data_4B1U
#
_entry.id   4B1U
#
_cell.length_a   77.600
_cell.length_b   77.600
_cell.length_c   128.230
_cell.angle_alpha   90.00
_cell.angle_beta   90.00
_cell.angle_gamma   120.00
#
_symmetry.space_group_name_H-M   'P 32 2 1'
#
loop_
_entity.id
_entity.type
_entity.pdbx_description
1 polymer 'ACTIN, ALPHA SKELETAL MUSCLE'
2 polymer 'PHOSPHATASE AND ACTIN REGULATOR 1'
3 non-polymer 'LATRUNCULIN B'
4 non-polymer "ADENOSINE-5'-TRIPHOSPHATE"
5 non-polymer 'MAGNESIUM ION'
6 non-polymer 2-AMINO-2-HYDROXYMETHYL-PROPANE-1,3-DIOL
7 non-polymer 'CALCIUM ION'
8 water water
#
loop_
_entity_poly.entity_id
_entity_poly.type
_entity_poly.pdbx_seq_one_letter_code
_entity_poly.pdbx_strand_id
1 'polypeptide(L)'
;CDEDETTALVCDNGSGLVKAGFAGDDAPRAVFPSIVGRPRHQGVMVGMGQKDSYVGDEAQSKRGILTLKYPIEHGIITNW
DDMEKIWHHTFYNELRVAPEEHPTLLTEAPLNPKANREKMTQIMFETFNVPAMYVAIQAVLSLYASGRTTGIVLDSGDGV
THNVPIYEGYALPHAIMRLDLAGRDLTDYLMKILTERGYSFVTTAEREIVRDIKEKLCYVALDFENEMATAASSSSLEKS
YELPDGQVITIGNERFRCPETLFQPSFIGMESAGIHETTYNSIMKCDIDIRKDLYANNVMSGGTTMYPGIADRMQKEITA
LAPSTMKIKIIAPPERKYSVWIGGSILASLSTFQQMWITKQEYDEAGPSIVHRKCF
;
B
2 'polypeptide(L)' FKHTSAALERKISMRQSREELIKRGVLKEIYD M
#
loop_
_chem_comp.id
_chem_comp.type
_chem_comp.name
_chem_comp.formula
ATP non-polymer ADENOSINE-5'-TRIPHOSPHATE 'C10 H16 N5 O13 P3'
CA non-polymer 'CALCIUM ION' 'Ca 2'
LAB non-polymer 'LATRUNCULIN B' 'C20 H29 N O5 S'
MG non-polymer 'MAGNESIUM ION' 'Mg 2'
TRS non-polymer 2-AMINO-2-HYDROXYMETHYL-PROPANE-1,3-DIOL 'C4 H12 N O3 1'
#
# COMPACT_ATOMS: atom_id res chain seq x y z
N THR A 6 16.36 -18.09 -11.61
CA THR A 6 17.30 -17.02 -11.93
C THR A 6 16.69 -15.63 -11.71
N THR A 7 15.38 -15.52 -11.89
CA THR A 7 14.70 -14.24 -11.68
C THR A 7 13.53 -14.35 -10.69
N ALA A 8 13.53 -13.45 -9.70
CA ALA A 8 12.49 -13.44 -8.68
C ALA A 8 11.21 -12.77 -9.18
N LEU A 9 10.07 -13.29 -8.74
CA LEU A 9 8.78 -12.64 -8.96
C LEU A 9 8.45 -11.79 -7.75
N VAL A 10 7.78 -10.67 -8.01
CA VAL A 10 7.34 -9.81 -6.93
C VAL A 10 5.85 -9.51 -7.15
N CYS A 11 5.06 -9.82 -6.14
CA CYS A 11 3.62 -9.59 -6.19
CA CYS A 11 3.61 -9.61 -6.18
C CYS A 11 3.13 -8.81 -4.98
N ASP A 12 2.47 -7.69 -5.26
CA ASP A 12 1.89 -6.83 -4.24
C ASP A 12 0.39 -6.91 -4.43
N ASN A 13 -0.27 -7.69 -3.58
CA ASN A 13 -1.71 -7.92 -3.72
C ASN A 13 -2.52 -6.89 -2.95
N GLY A 14 -3.08 -5.92 -3.66
CA GLY A 14 -3.88 -4.89 -3.00
C GLY A 14 -5.38 -5.18 -2.99
N SER A 15 -6.11 -4.39 -2.21
CA SER A 15 -7.57 -4.52 -2.14
CA SER A 15 -7.56 -4.51 -2.14
C SER A 15 -8.21 -4.20 -3.48
N GLY A 16 -7.61 -3.29 -4.21
CA GLY A 16 -8.13 -2.85 -5.49
C GLY A 16 -7.36 -3.38 -6.68
N LEU A 17 -6.03 -3.29 -6.61
CA LEU A 17 -5.22 -3.70 -7.75
C LEU A 17 -4.11 -4.69 -7.39
N VAL A 18 -3.90 -5.65 -8.26
CA VAL A 18 -2.74 -6.52 -8.16
C VAL A 18 -1.62 -5.84 -8.91
N LYS A 19 -0.43 -5.79 -8.29
CA LYS A 19 0.77 -5.31 -8.97
C LYS A 19 1.77 -6.46 -9.01
N ALA A 20 2.12 -6.95 -10.20
CA ALA A 20 3.05 -8.08 -10.25
C ALA A 20 4.11 -7.90 -11.31
N GLY A 21 5.26 -8.51 -11.11
CA GLY A 21 6.31 -8.45 -12.11
C GLY A 21 7.60 -9.11 -11.69
N PHE A 22 8.70 -8.71 -12.34
CA PHE A 22 9.98 -9.33 -12.08
C PHE A 22 10.92 -8.37 -11.39
N ALA A 23 11.65 -8.87 -10.41
CA ALA A 23 12.63 -8.07 -9.70
C ALA A 23 13.59 -7.50 -10.73
N GLY A 24 13.98 -6.25 -10.55
CA GLY A 24 14.86 -5.60 -11.49
C GLY A 24 14.14 -4.60 -12.38
N ASP A 25 12.86 -4.85 -12.66
CA ASP A 25 12.09 -3.91 -13.45
C ASP A 25 11.85 -2.62 -12.66
N ASP A 26 11.49 -1.56 -13.37
CA ASP A 26 11.27 -0.29 -12.72
C ASP A 26 9.81 -0.11 -12.31
N ALA A 27 8.98 -1.09 -12.65
CA ALA A 27 7.54 -1.00 -12.39
C ALA A 27 6.93 -2.39 -12.55
N PRO A 28 5.83 -2.66 -11.86
CA PRO A 28 5.17 -3.95 -12.08
C PRO A 28 4.66 -4.00 -13.50
N ARG A 29 5.07 -5.00 -14.27
CA ARG A 29 4.62 -5.13 -15.65
C ARG A 29 3.15 -5.53 -15.73
N ALA A 30 2.61 -6.09 -14.65
CA ALA A 30 1.20 -6.46 -14.64
C ALA A 30 0.49 -5.71 -13.52
N VAL A 31 -0.53 -4.95 -13.91
CA VAL A 31 -1.32 -4.22 -12.95
C VAL A 31 -2.74 -4.41 -13.39
N PHE A 32 -3.56 -4.99 -12.53
CA PHE A 32 -4.93 -5.31 -12.97
C PHE A 32 -5.86 -5.42 -11.77
N PRO A 33 -7.18 -5.27 -11.98
CA PRO A 33 -8.15 -5.26 -10.87
C PRO A 33 -8.15 -6.57 -10.08
N SER A 34 -8.11 -6.44 -8.77
CA SER A 34 -8.11 -7.58 -7.87
C SER A 34 -9.55 -8.07 -7.68
N ILE A 35 -10.10 -8.70 -8.72
CA ILE A 35 -11.49 -9.13 -8.73
C ILE A 35 -11.55 -10.48 -9.40
N VAL A 36 -12.44 -11.34 -8.90
CA VAL A 36 -12.72 -12.62 -9.55
C VAL A 36 -14.20 -12.68 -9.89
N GLY A 37 -14.52 -13.18 -11.09
CA GLY A 37 -15.90 -13.35 -11.50
C GLY A 37 -16.29 -14.80 -11.67
N SER A 53 -13.33 -18.32 -12.13
CA SER A 53 -13.44 -18.57 -13.56
C SER A 53 -13.01 -17.39 -14.45
N TYR A 54 -13.11 -16.16 -13.92
CA TYR A 54 -12.59 -14.98 -14.61
C TYR A 54 -11.92 -14.02 -13.62
N VAL A 55 -10.72 -13.57 -13.95
CA VAL A 55 -9.93 -12.72 -13.07
C VAL A 55 -9.53 -11.44 -13.80
N GLY A 56 -9.51 -10.32 -13.08
CA GLY A 56 -8.96 -9.08 -13.59
C GLY A 56 -9.76 -8.44 -14.71
N ASP A 57 -9.04 -8.04 -15.75
CA ASP A 57 -9.64 -7.36 -16.89
C ASP A 57 -10.65 -8.24 -17.61
N GLU A 58 -10.29 -9.50 -17.82
CA GLU A 58 -11.16 -10.47 -18.46
C GLU A 58 -12.46 -10.55 -17.68
N ALA A 59 -12.32 -10.55 -16.35
CA ALA A 59 -13.47 -10.64 -15.45
C ALA A 59 -14.37 -9.43 -15.55
N GLN A 60 -13.79 -8.24 -15.56
CA GLN A 60 -14.62 -7.04 -15.66
C GLN A 60 -15.34 -6.94 -17.01
N SER A 61 -14.59 -7.16 -18.10
CA SER A 61 -15.15 -6.98 -19.43
C SER A 61 -16.29 -7.96 -19.70
N LYS A 62 -16.38 -9.02 -18.90
CA LYS A 62 -17.51 -9.93 -18.97
C LYS A 62 -18.40 -9.77 -17.74
N ARG A 63 -18.62 -8.52 -17.33
CA ARG A 63 -19.40 -8.22 -16.13
C ARG A 63 -20.78 -8.90 -16.13
N GLY A 64 -21.39 -9.00 -17.30
CA GLY A 64 -22.78 -9.43 -17.41
C GLY A 64 -23.13 -10.91 -17.16
N ILE A 65 -22.14 -11.76 -16.98
CA ILE A 65 -22.40 -13.19 -16.80
C ILE A 65 -22.04 -13.70 -15.40
N LEU A 66 -20.87 -13.30 -14.92
CA LEU A 66 -20.37 -13.77 -13.64
C LEU A 66 -20.75 -12.80 -12.53
N THR A 67 -20.52 -13.19 -11.29
CA THR A 67 -20.65 -12.27 -10.16
C THR A 67 -19.26 -11.84 -9.69
N LEU A 68 -18.99 -10.52 -9.73
CA LEU A 68 -17.66 -10.00 -9.37
C LEU A 68 -17.46 -9.77 -7.88
N LYS A 69 -16.40 -10.36 -7.33
CA LYS A 69 -16.04 -10.13 -5.94
C LYS A 69 -14.57 -9.72 -5.80
N TYR A 70 -14.30 -8.94 -4.75
CA TYR A 70 -12.93 -8.58 -4.34
C TYR A 70 -12.47 -9.54 -3.26
N PRO A 71 -11.41 -10.32 -3.53
CA PRO A 71 -11.03 -11.29 -2.50
C PRO A 71 -10.20 -10.70 -1.36
N ILE A 72 -9.73 -9.48 -1.52
CA ILE A 72 -9.02 -8.79 -0.45
C ILE A 72 -9.84 -7.60 0.02
N GLU A 73 -10.06 -7.49 1.33
CA GLU A 73 -10.83 -6.39 1.89
C GLU A 73 -9.99 -5.67 2.94
N HIS A 74 -9.83 -4.35 2.76
CA HIS A 74 -9.05 -3.53 3.69
C HIS A 74 -7.62 -4.12 3.85
N GLY A 75 -7.08 -4.64 2.76
CA GLY A 75 -5.73 -5.20 2.74
C GLY A 75 -5.57 -6.62 3.23
N ILE A 76 -6.65 -7.20 3.77
CA ILE A 76 -6.60 -8.57 4.27
C ILE A 76 -7.29 -9.54 3.31
N ILE A 77 -6.62 -10.66 3.01
CA ILE A 77 -7.23 -11.72 2.19
C ILE A 77 -8.42 -12.33 2.93
N THR A 78 -9.60 -12.28 2.34
CA THR A 78 -10.78 -12.87 2.98
C THR A 78 -11.47 -13.98 2.17
N ASN A 79 -11.17 -14.07 0.88
CA ASN A 79 -11.71 -15.16 0.06
C ASN A 79 -10.57 -15.95 -0.55
N TRP A 80 -10.18 -17.02 0.14
CA TRP A 80 -8.99 -17.80 -0.24
C TRP A 80 -9.09 -18.53 -1.58
N ASP A 81 -10.26 -19.05 -1.91
CA ASP A 81 -10.47 -19.73 -3.19
C ASP A 81 -10.24 -18.76 -4.37
N ASP A 82 -10.87 -17.59 -4.24
CA ASP A 82 -10.71 -16.53 -5.24
C ASP A 82 -9.29 -15.96 -5.24
N MET A 83 -8.65 -15.89 -4.06
CA MET A 83 -7.26 -15.46 -4.02
C MET A 83 -6.37 -16.42 -4.80
N GLU A 84 -6.63 -17.71 -4.65
CA GLU A 84 -5.90 -18.72 -5.41
C GLU A 84 -6.13 -18.50 -6.90
N LYS A 85 -7.36 -18.15 -7.28
CA LYS A 85 -7.58 -17.78 -8.67
C LYS A 85 -6.75 -16.56 -9.11
N ILE A 86 -6.66 -15.54 -8.24
CA ILE A 86 -5.81 -14.38 -8.50
C ILE A 86 -4.35 -14.77 -8.74
N TRP A 87 -3.78 -15.55 -7.83
CA TRP A 87 -2.36 -15.96 -7.96
C TRP A 87 -2.10 -16.79 -9.20
N HIS A 88 -3.01 -17.73 -9.46
CA HIS A 88 -2.88 -18.59 -10.63
C HIS A 88 -2.89 -17.74 -11.90
N HIS A 89 -3.89 -16.86 -12.02
CA HIS A 89 -3.98 -15.94 -13.12
C HIS A 89 -2.70 -15.09 -13.26
N THR A 90 -2.16 -14.66 -12.12
CA THR A 90 -0.95 -13.83 -12.13
C THR A 90 0.24 -14.56 -12.71
N PHE A 91 0.51 -15.77 -12.22
CA PHE A 91 1.63 -16.56 -12.74
C PHE A 91 1.44 -16.95 -14.22
N TYR A 92 0.28 -17.52 -14.52
CA TYR A 92 0.10 -18.18 -15.80
C TYR A 92 -0.39 -17.29 -16.92
N ASN A 93 -1.31 -16.38 -16.61
CA ASN A 93 -1.95 -15.55 -17.63
C ASN A 93 -1.32 -14.17 -17.80
N GLU A 94 -0.90 -13.56 -16.70
CA GLU A 94 -0.31 -12.24 -16.77
C GLU A 94 1.20 -12.32 -16.99
N LEU A 95 1.92 -12.97 -16.07
CA LEU A 95 3.37 -13.05 -16.20
C LEU A 95 3.85 -14.13 -17.16
N ARG A 96 2.98 -15.10 -17.46
CA ARG A 96 3.31 -16.25 -18.32
C ARG A 96 4.57 -16.98 -17.88
N VAL A 97 4.67 -17.23 -16.58
CA VAL A 97 5.78 -17.99 -16.00
C VAL A 97 5.27 -19.25 -15.32
N ALA A 98 6.16 -20.21 -15.11
CA ALA A 98 5.83 -21.35 -14.27
C ALA A 98 6.29 -21.01 -12.87
N PRO A 99 5.37 -21.06 -11.89
CA PRO A 99 5.64 -20.65 -10.50
C PRO A 99 6.84 -21.41 -9.94
N GLU A 100 6.99 -22.66 -10.37
CA GLU A 100 8.03 -23.54 -9.86
C GLU A 100 9.46 -23.03 -10.14
N GLU A 101 9.59 -22.13 -11.12
CA GLU A 101 10.91 -21.70 -11.57
C GLU A 101 11.38 -20.36 -11.00
N HIS A 102 10.60 -19.78 -10.09
CA HIS A 102 10.93 -18.46 -9.57
C HIS A 102 10.71 -18.33 -8.07
N PRO A 103 11.72 -17.81 -7.36
CA PRO A 103 11.47 -17.36 -5.99
C PRO A 103 10.42 -16.26 -6.05
N THR A 104 9.50 -16.27 -5.09
CA THR A 104 8.38 -15.36 -5.14
C THR A 104 8.26 -14.55 -3.86
N LEU A 105 8.34 -13.24 -4.00
CA LEU A 105 8.14 -12.31 -2.88
C LEU A 105 6.74 -11.74 -2.94
N LEU A 106 6.00 -11.91 -1.87
CA LEU A 106 4.63 -11.43 -1.73
C LEU A 106 4.60 -10.33 -0.67
N THR A 107 3.54 -9.54 -0.71
CA THR A 107 3.37 -8.51 0.31
C THR A 107 2.17 -8.80 1.22
N GLU A 108 2.13 -8.15 2.38
CA GLU A 108 0.98 -8.25 3.27
C GLU A 108 0.73 -6.91 3.97
N ALA A 109 -0.50 -6.74 4.47
CA ALA A 109 -0.83 -5.50 5.18
C ALA A 109 -0.19 -5.49 6.56
N PRO A 110 0.04 -4.29 7.12
CA PRO A 110 0.41 -4.16 8.53
C PRO A 110 -0.68 -4.84 9.37
N LEU A 111 -0.28 -5.58 10.40
CA LEU A 111 -1.22 -6.23 11.33
C LEU A 111 -2.06 -7.35 10.68
N ASN A 112 -1.53 -7.94 9.62
CA ASN A 112 -2.13 -9.14 9.03
C ASN A 112 -2.08 -10.27 10.06
N PRO A 113 -3.23 -10.91 10.35
CA PRO A 113 -3.26 -12.05 11.27
C PRO A 113 -2.30 -13.18 10.87
N LYS A 114 -1.69 -13.78 11.89
CA LYS A 114 -0.66 -14.82 11.72
C LYS A 114 -1.15 -15.97 10.84
N ALA A 115 -2.40 -16.38 11.07
CA ALA A 115 -2.98 -17.50 10.34
C ALA A 115 -3.00 -17.21 8.85
N ASN A 116 -3.23 -15.95 8.50
CA ASN A 116 -3.23 -15.53 7.09
C ASN A 116 -1.86 -15.69 6.45
N ARG A 117 -0.81 -15.36 7.21
CA ARG A 117 0.57 -15.47 6.74
C ARG A 117 0.89 -16.92 6.46
N GLU A 118 0.50 -17.77 7.42
CA GLU A 118 0.77 -19.18 7.25
C GLU A 118 0.00 -19.79 6.07
N LYS A 119 -1.24 -19.37 5.90
CA LYS A 119 -2.05 -19.84 4.79
C LYS A 119 -1.47 -19.40 3.43
N MET A 120 -0.99 -18.16 3.37
CA MET A 120 -0.31 -17.66 2.17
C MET A 120 0.89 -18.56 1.86
N THR A 121 1.67 -18.86 2.89
CA THR A 121 2.89 -19.65 2.73
C THR A 121 2.60 -21.06 2.24
N GLN A 122 1.61 -21.66 2.89
CA GLN A 122 1.13 -22.99 2.59
C GLN A 122 0.65 -23.06 1.14
N ILE A 123 -0.15 -22.09 0.72
CA ILE A 123 -0.63 -22.09 -0.66
C ILE A 123 0.54 -21.96 -1.65
N MET A 124 1.45 -21.04 -1.38
CA MET A 124 2.60 -20.84 -2.26
C MET A 124 3.44 -22.12 -2.42
N PHE A 125 3.70 -22.81 -1.31
CA PHE A 125 4.53 -24.02 -1.39
C PHE A 125 3.81 -25.28 -1.91
N GLU A 126 2.58 -25.49 -1.43
CA GLU A 126 1.84 -26.73 -1.72
C GLU A 126 1.00 -26.65 -2.99
N THR A 127 0.40 -25.50 -3.24
CA THR A 127 -0.45 -25.35 -4.42
C THR A 127 0.38 -24.94 -5.64
N PHE A 128 1.29 -23.98 -5.47
CA PHE A 128 2.03 -23.45 -6.61
C PHE A 128 3.45 -24.00 -6.74
N ASN A 129 3.90 -24.73 -5.74
CA ASN A 129 5.20 -25.37 -5.77
C ASN A 129 6.38 -24.43 -6.05
N VAL A 130 6.37 -23.27 -5.40
CA VAL A 130 7.46 -22.34 -5.56
C VAL A 130 8.74 -22.91 -4.93
N PRO A 131 9.88 -22.62 -5.56
CA PRO A 131 11.16 -23.09 -5.02
C PRO A 131 11.54 -22.27 -3.79
N ALA A 132 11.07 -21.04 -3.71
CA ALA A 132 11.38 -20.18 -2.58
C ALA A 132 10.37 -19.04 -2.49
N MET A 133 10.28 -18.45 -1.32
CA MET A 133 9.14 -17.61 -1.03
C MET A 133 9.45 -16.64 0.09
N TYR A 134 8.89 -15.44 0.04
CA TYR A 134 9.02 -14.51 1.17
C TYR A 134 7.79 -13.60 1.28
N VAL A 135 7.45 -13.16 2.49
CA VAL A 135 6.33 -12.23 2.66
C VAL A 135 6.80 -11.01 3.43
N ALA A 136 6.58 -9.82 2.85
CA ALA A 136 7.03 -8.58 3.49
C ALA A 136 5.88 -7.61 3.74
N ILE A 137 5.97 -6.82 4.80
CA ILE A 137 4.96 -5.81 5.06
C ILE A 137 5.07 -4.71 4.00
N GLN A 138 3.95 -4.37 3.38
CA GLN A 138 3.89 -3.36 2.30
C GLN A 138 4.67 -2.07 2.64
N ALA A 139 4.28 -1.42 3.73
CA ALA A 139 4.91 -0.16 4.17
C ALA A 139 6.46 -0.26 4.35
N VAL A 140 6.92 -1.39 4.88
CA VAL A 140 8.37 -1.60 5.00
C VAL A 140 9.02 -1.59 3.62
N LEU A 141 8.39 -2.26 2.64
CA LEU A 141 8.88 -2.20 1.27
C LEU A 141 8.93 -0.80 0.68
N SER A 142 7.91 0.02 0.94
CA SER A 142 8.02 1.37 0.35
C SER A 142 9.18 2.20 1.00
N LEU A 143 9.31 2.03 2.32
CA LEU A 143 10.45 2.66 3.01
C LEU A 143 11.76 2.21 2.34
N TYR A 144 11.92 0.89 2.16
CA TYR A 144 13.09 0.31 1.52
C TYR A 144 13.32 0.89 0.12
N ALA A 145 12.23 1.10 -0.61
CA ALA A 145 12.34 1.61 -1.96
C ALA A 145 12.99 2.96 -1.94
N SER A 146 12.72 3.72 -0.88
CA SER A 146 13.44 5.01 -0.79
C SER A 146 14.92 4.89 -0.35
N GLY A 147 15.40 3.67 -0.13
CA GLY A 147 16.77 3.49 0.30
C GLY A 147 16.99 3.70 1.79
N ARG A 148 15.92 3.59 2.57
CA ARG A 148 15.96 3.78 4.02
C ARG A 148 15.54 2.51 4.74
N THR A 149 16.01 2.35 5.98
CA THR A 149 15.48 1.29 6.85
C THR A 149 14.79 1.86 8.10
N THR A 150 14.87 3.17 8.29
CA THR A 150 14.17 3.83 9.40
C THR A 150 13.39 5.05 8.89
N GLY A 151 12.18 5.21 9.40
CA GLY A 151 11.31 6.30 8.93
C GLY A 151 9.88 5.94 9.23
N ILE A 152 8.94 6.81 8.88
CA ILE A 152 7.54 6.49 9.12
C ILE A 152 6.77 6.58 7.82
N VAL A 153 6.04 5.53 7.50
CA VAL A 153 5.35 5.48 6.21
C VAL A 153 3.86 5.75 6.35
N LEU A 154 3.35 6.68 5.55
CA LEU A 154 1.93 6.74 5.29
C LEU A 154 1.65 5.95 4.01
N ASP A 155 1.02 4.79 4.15
CA ASP A 155 0.71 3.96 2.97
C ASP A 155 -0.80 3.95 2.85
N SER A 156 -1.32 4.47 1.73
CA SER A 156 -2.76 4.54 1.50
C SER A 156 -3.15 4.03 0.11
N GLY A 157 -4.03 3.02 0.08
CA GLY A 157 -4.47 2.43 -1.17
C GLY A 157 -5.94 2.59 -1.48
N ASP A 158 -6.54 1.52 -2.01
CA ASP A 158 -7.97 1.49 -2.32
C ASP A 158 -8.81 1.15 -1.09
N GLY A 159 -8.28 0.29 -0.22
CA GLY A 159 -9.05 -0.31 0.85
C GLY A 159 -8.73 0.11 2.28
N VAL A 160 -7.48 0.46 2.56
CA VAL A 160 -7.08 0.79 3.94
C VAL A 160 -5.90 1.78 3.97
N THR A 161 -5.78 2.53 5.08
CA THR A 161 -4.67 3.46 5.25
C THR A 161 -3.92 3.12 6.55
N HIS A 162 -2.59 3.22 6.53
CA HIS A 162 -1.83 3.01 7.76
C HIS A 162 -0.70 4.04 7.91
N ASN A 163 -0.42 4.43 9.15
CA ASN A 163 0.87 5.04 9.51
C ASN A 163 1.72 3.93 10.11
N VAL A 164 2.92 3.74 9.57
CA VAL A 164 3.75 2.63 10.02
C VAL A 164 5.18 3.09 10.32
N PRO A 165 5.49 3.28 11.62
CA PRO A 165 6.86 3.68 11.94
C PRO A 165 7.74 2.45 11.94
N ILE A 166 8.94 2.62 11.40
CA ILE A 166 9.84 1.52 11.15
C ILE A 166 11.23 1.93 11.63
N TYR A 167 11.86 1.02 12.37
CA TYR A 167 13.23 1.20 12.81
C TYR A 167 14.04 -0.01 12.40
N GLU A 168 15.08 0.24 11.60
CA GLU A 168 15.92 -0.82 11.06
C GLU A 168 15.13 -1.97 10.41
N GLY A 169 14.14 -1.63 9.59
CA GLY A 169 13.41 -2.63 8.82
C GLY A 169 12.30 -3.33 9.59
N TYR A 170 12.21 -3.06 10.88
CA TYR A 170 11.14 -3.64 11.69
C TYR A 170 10.02 -2.62 11.88
N ALA A 171 8.81 -2.96 11.42
CA ALA A 171 7.67 -2.14 11.79
C ALA A 171 7.52 -2.25 13.32
N LEU A 172 7.08 -1.17 13.96
CA LEU A 172 6.88 -1.16 15.41
C LEU A 172 5.40 -1.33 15.64
N PRO A 173 4.97 -2.57 15.96
CA PRO A 173 3.54 -2.90 15.98
C PRO A 173 2.71 -2.06 16.93
N HIS A 174 3.25 -1.76 18.11
CA HIS A 174 2.54 -0.96 19.09
C HIS A 174 2.25 0.46 18.62
N ALA A 175 3.00 0.94 17.62
CA ALA A 175 2.82 2.33 17.18
C ALA A 175 2.11 2.46 15.83
N ILE A 176 1.76 1.33 15.22
CA ILE A 176 1.07 1.36 13.94
C ILE A 176 -0.33 1.95 14.12
N MET A 177 -0.71 2.89 13.27
CA MET A 177 -2.08 3.42 13.29
C MET A 177 -2.80 2.99 12.01
N ARG A 178 -4.01 2.47 12.16
CA ARG A 178 -4.84 2.19 10.99
C ARG A 178 -5.96 3.21 10.87
N LEU A 179 -6.13 3.78 9.69
CA LEU A 179 -7.30 4.58 9.36
C LEU A 179 -8.16 3.78 8.38
N ASP A 180 -9.40 3.52 8.81
CA ASP A 180 -10.32 2.64 8.09
C ASP A 180 -11.03 3.40 6.98
N LEU A 181 -10.24 4.11 6.17
CA LEU A 181 -10.76 4.73 4.97
C LEU A 181 -9.61 4.91 3.97
N ALA A 182 -9.92 4.70 2.70
CA ALA A 182 -8.91 4.86 1.66
C ALA A 182 -9.61 5.24 0.36
N GLY A 183 -9.00 4.90 -0.78
CA GLY A 183 -9.46 5.39 -2.07
C GLY A 183 -10.90 5.09 -2.41
N ARG A 184 -11.37 3.89 -2.07
CA ARG A 184 -12.75 3.51 -2.37
C ARG A 184 -13.75 4.37 -1.59
N ASP A 185 -13.42 4.66 -0.34
CA ASP A 185 -14.27 5.54 0.47
C ASP A 185 -14.25 6.96 -0.06
N LEU A 186 -13.10 7.37 -0.56
CA LEU A 186 -13.00 8.71 -1.16
C LEU A 186 -13.87 8.78 -2.42
N THR A 187 -13.84 7.74 -3.23
CA THR A 187 -14.66 7.70 -4.43
C THR A 187 -16.15 7.75 -4.09
N ASP A 188 -16.54 6.93 -3.11
CA ASP A 188 -17.93 6.92 -2.65
C ASP A 188 -18.34 8.34 -2.19
N TYR A 189 -17.44 8.99 -1.44
CA TYR A 189 -17.75 10.33 -0.92
C TYR A 189 -17.91 11.37 -2.04
N LEU A 190 -17.03 11.32 -3.05
CA LEU A 190 -17.21 12.18 -4.22
C LEU A 190 -18.53 11.90 -4.97
N MET A 191 -18.92 10.62 -5.05
CA MET A 191 -20.25 10.30 -5.59
C MET A 191 -21.32 11.05 -4.80
N LYS A 192 -21.25 10.94 -3.48
CA LYS A 192 -22.22 11.63 -2.62
C LYS A 192 -22.29 13.13 -2.88
N ILE A 193 -21.16 13.82 -2.73
CA ILE A 193 -21.16 15.28 -2.88
C ILE A 193 -21.46 15.78 -4.29
N LEU A 194 -21.07 15.01 -5.31
CA LEU A 194 -21.42 15.37 -6.69
C LEU A 194 -22.92 15.19 -6.91
N THR A 195 -23.49 14.19 -6.23
CA THR A 195 -24.94 13.96 -6.32
C THR A 195 -25.67 15.13 -5.67
N GLU A 196 -25.18 15.58 -4.53
CA GLU A 196 -25.75 16.77 -3.89
C GLU A 196 -25.68 18.01 -4.80
N ARG A 197 -24.65 18.08 -5.65
CA ARG A 197 -24.53 19.18 -6.62
C ARG A 197 -25.62 19.14 -7.67
N GLY A 198 -26.38 18.05 -7.73
CA GLY A 198 -27.47 17.95 -8.68
C GLY A 198 -27.40 16.76 -9.62
N TYR A 199 -26.19 16.24 -9.84
CA TYR A 199 -26.00 15.06 -10.68
C TYR A 199 -26.40 13.82 -9.91
N SER A 200 -26.20 12.65 -10.51
N SER A 200 -26.20 12.65 -10.51
CA SER A 200 -26.52 11.39 -9.83
CA SER A 200 -26.52 11.39 -9.83
C SER A 200 -25.56 10.27 -10.15
C SER A 200 -25.56 10.27 -10.15
N PHE A 201 -24.76 9.88 -9.17
CA PHE A 201 -23.87 8.75 -9.32
C PHE A 201 -24.16 7.80 -8.18
N VAL A 202 -24.65 6.61 -8.53
CA VAL A 202 -25.11 5.64 -7.52
C VAL A 202 -24.64 4.21 -7.80
N THR A 203 -24.77 3.77 -9.06
CA THR A 203 -24.43 2.40 -9.40
C THR A 203 -22.92 2.15 -9.43
N THR A 204 -22.54 0.89 -9.66
CA THR A 204 -21.15 0.46 -9.72
C THR A 204 -20.40 1.06 -10.92
N ALA A 205 -21.07 1.12 -12.07
CA ALA A 205 -20.47 1.69 -13.26
C ALA A 205 -20.24 3.20 -13.07
N GLU A 206 -21.23 3.83 -12.46
CA GLU A 206 -21.15 5.25 -12.14
C GLU A 206 -20.03 5.46 -11.13
N ARG A 207 -19.86 4.50 -10.24
CA ARG A 207 -18.77 4.55 -9.29
C ARG A 207 -17.44 4.55 -10.04
N GLU A 208 -17.32 3.72 -11.07
CA GLU A 208 -16.09 3.77 -11.87
C GLU A 208 -15.84 5.13 -12.54
N ILE A 209 -16.91 5.70 -13.09
CA ILE A 209 -16.82 7.05 -13.66
C ILE A 209 -16.28 8.06 -12.63
N VAL A 210 -16.86 8.01 -11.44
CA VAL A 210 -16.46 8.94 -10.39
C VAL A 210 -15.00 8.69 -9.96
N ARG A 211 -14.57 7.43 -9.94
CA ARG A 211 -13.18 7.14 -9.60
C ARG A 211 -12.29 7.83 -10.61
N ASP A 212 -12.67 7.76 -11.88
CA ASP A 212 -11.89 8.46 -12.89
C ASP A 212 -11.85 9.99 -12.68
N ILE A 213 -13.00 10.54 -12.30
CA ILE A 213 -13.05 11.98 -11.98
C ILE A 213 -12.07 12.34 -10.84
N LYS A 214 -12.08 11.50 -9.81
CA LYS A 214 -11.21 11.65 -8.66
C LYS A 214 -9.74 11.62 -9.07
N GLU A 215 -9.35 10.60 -9.84
CA GLU A 215 -7.94 10.49 -10.24
C GLU A 215 -7.47 11.63 -11.16
N LYS A 216 -8.39 12.19 -11.93
CA LYS A 216 -8.00 13.26 -12.88
C LYS A 216 -8.08 14.69 -12.36
N LEU A 217 -8.99 14.94 -11.42
CA LEU A 217 -9.34 16.32 -11.05
C LEU A 217 -9.22 16.68 -9.58
N CYS A 218 -9.13 15.70 -8.68
CA CYS A 218 -9.06 16.05 -7.27
C CYS A 218 -7.66 16.47 -6.85
N TYR A 219 -7.56 17.28 -5.81
CA TYR A 219 -6.27 17.64 -5.22
C TYR A 219 -6.45 18.01 -3.76
N VAL A 220 -5.34 18.11 -3.03
CA VAL A 220 -5.39 18.50 -1.64
C VAL A 220 -5.02 19.97 -1.50
N ALA A 221 -5.93 20.74 -0.90
CA ALA A 221 -5.74 22.16 -0.65
C ALA A 221 -4.68 22.38 0.43
N LEU A 222 -3.84 23.40 0.24
CA LEU A 222 -2.83 23.71 1.24
C LEU A 222 -3.49 24.25 2.49
N ASP A 223 -4.44 25.17 2.28
CA ASP A 223 -5.28 25.70 3.34
C ASP A 223 -6.73 25.48 2.92
N PHE A 224 -7.41 24.56 3.60
CA PHE A 224 -8.74 24.11 3.21
C PHE A 224 -9.82 25.18 3.31
N GLU A 225 -9.82 25.92 4.42
CA GLU A 225 -10.78 27.01 4.58
C GLU A 225 -10.59 28.10 3.52
N ASN A 226 -9.34 28.47 3.29
CA ASN A 226 -9.03 29.49 2.29
C ASN A 226 -9.48 29.01 0.91
N GLU A 227 -9.20 27.74 0.61
CA GLU A 227 -9.60 27.18 -0.68
C GLU A 227 -11.12 27.21 -0.84
N MET A 228 -11.84 26.76 0.19
CA MET A 228 -13.31 26.80 0.18
C MET A 228 -13.83 28.21 -0.07
N ALA A 229 -13.20 29.19 0.56
CA ALA A 229 -13.64 30.58 0.42
C ALA A 229 -13.39 31.12 -0.99
N THR A 230 -12.66 30.36 -1.80
CA THR A 230 -12.38 30.73 -3.19
C THR A 230 -13.24 29.90 -4.13
N GLU A 238 -12.25 25.61 -11.37
CA GLU A 238 -13.24 24.56 -11.55
C GLU A 238 -13.14 23.93 -12.93
N LYS A 239 -13.51 22.67 -13.04
CA LYS A 239 -13.23 21.92 -14.26
C LYS A 239 -14.47 21.29 -14.87
N SER A 240 -14.42 21.01 -16.16
CA SER A 240 -15.49 20.29 -16.82
C SER A 240 -15.03 18.87 -17.12
N TYR A 241 -15.95 17.92 -16.98
CA TYR A 241 -15.66 16.52 -17.25
C TYR A 241 -16.79 16.00 -18.13
N GLU A 242 -16.47 15.39 -19.27
CA GLU A 242 -17.50 14.85 -20.16
C GLU A 242 -17.83 13.39 -19.86
N LEU A 243 -19.12 13.10 -19.60
CA LEU A 243 -19.56 11.74 -19.32
C LEU A 243 -19.70 10.95 -20.63
N PRO A 244 -19.67 9.61 -20.55
CA PRO A 244 -19.93 8.73 -21.70
C PRO A 244 -21.20 9.09 -22.47
N ASP A 245 -22.24 9.49 -21.76
CA ASP A 245 -23.49 9.83 -22.43
C ASP A 245 -23.38 11.18 -23.13
N GLY A 246 -22.23 11.82 -22.99
CA GLY A 246 -21.95 13.06 -23.68
C GLY A 246 -22.16 14.31 -22.86
N GLN A 247 -22.88 14.19 -21.74
CA GLN A 247 -23.08 15.32 -20.85
C GLN A 247 -21.77 15.85 -20.25
N VAL A 248 -21.61 17.16 -20.26
CA VAL A 248 -20.47 17.80 -19.65
C VAL A 248 -20.88 18.31 -18.27
N ILE A 249 -20.33 17.73 -17.23
CA ILE A 249 -20.62 18.19 -15.87
C ILE A 249 -19.51 19.10 -15.39
N THR A 250 -19.80 19.86 -14.34
CA THR A 250 -18.81 20.76 -13.77
C THR A 250 -18.49 20.39 -12.32
N ILE A 251 -17.20 20.34 -12.01
CA ILE A 251 -16.78 20.07 -10.64
C ILE A 251 -15.99 21.26 -10.08
N GLY A 252 -16.39 21.70 -8.89
CA GLY A 252 -15.79 22.84 -8.23
C GLY A 252 -15.06 22.47 -6.95
N ASN A 253 -15.64 22.81 -5.80
CA ASN A 253 -14.97 22.57 -4.53
C ASN A 253 -14.85 21.08 -4.19
N GLU A 254 -15.73 20.27 -4.79
CA GLU A 254 -15.61 18.81 -4.71
C GLU A 254 -14.18 18.34 -4.97
N ARG A 255 -13.53 18.95 -5.97
CA ARG A 255 -12.14 18.63 -6.31
C ARG A 255 -11.23 18.52 -5.08
N PHE A 256 -11.37 19.44 -4.14
CA PHE A 256 -10.53 19.38 -2.96
C PHE A 256 -11.28 18.93 -1.73
N ARG A 257 -12.60 18.86 -1.82
CA ARG A 257 -13.34 18.41 -0.66
C ARG A 257 -13.27 16.90 -0.49
N CYS A 258 -13.16 16.20 -1.61
CA CYS A 258 -13.07 14.74 -1.57
C CYS A 258 -11.83 14.27 -0.76
N PRO A 259 -10.61 14.63 -1.19
CA PRO A 259 -9.45 14.13 -0.39
C PRO A 259 -9.23 14.81 0.96
N GLU A 260 -9.93 15.91 1.23
CA GLU A 260 -9.84 16.56 2.53
C GLU A 260 -10.26 15.60 3.65
N THR A 261 -11.13 14.65 3.30
CA THR A 261 -11.60 13.59 4.19
C THR A 261 -10.42 12.86 4.85
N LEU A 262 -9.30 12.76 4.13
CA LEU A 262 -8.11 12.12 4.70
C LEU A 262 -7.63 12.87 5.94
N PHE A 263 -7.69 14.19 5.86
CA PHE A 263 -7.32 15.05 6.96
C PHE A 263 -8.47 15.28 7.96
N GLN A 264 -9.70 15.13 7.49
CA GLN A 264 -10.87 15.29 8.36
C GLN A 264 -11.88 14.17 8.15
N PRO A 265 -11.70 13.04 8.84
CA PRO A 265 -12.54 11.87 8.56
C PRO A 265 -14.02 12.05 8.94
N SER A 266 -14.31 13.04 9.79
CA SER A 266 -15.70 13.36 10.14
C SER A 266 -16.55 13.75 8.92
N PHE A 267 -15.91 14.00 7.79
CA PHE A 267 -16.64 14.27 6.55
C PHE A 267 -17.45 13.06 6.12
N ILE A 268 -16.99 11.86 6.47
CA ILE A 268 -17.78 10.68 6.18
C ILE A 268 -18.26 10.00 7.47
N GLY A 269 -18.40 10.81 8.51
CA GLY A 269 -18.93 10.33 9.78
C GLY A 269 -17.99 9.48 10.59
N MET A 270 -16.69 9.56 10.30
CA MET A 270 -15.71 8.80 11.06
C MET A 270 -15.18 9.63 12.22
N GLU A 271 -14.97 8.97 13.35
CA GLU A 271 -14.59 9.65 14.58
C GLU A 271 -13.06 9.79 14.67
N SER A 272 -12.36 9.15 13.75
CA SER A 272 -10.90 9.07 13.80
C SER A 272 -10.21 10.40 13.50
N ALA A 273 -8.98 10.54 13.98
CA ALA A 273 -8.16 11.69 13.65
C ALA A 273 -7.66 11.57 12.19
N GLY A 274 -7.29 12.70 11.59
CA GLY A 274 -6.78 12.71 10.22
C GLY A 274 -5.37 12.15 10.08
N ILE A 275 -4.95 11.89 8.84
CA ILE A 275 -3.64 11.27 8.60
C ILE A 275 -2.44 12.06 9.20
N HIS A 276 -2.56 13.38 9.28
CA HIS A 276 -1.48 14.16 9.89
C HIS A 276 -1.38 13.91 11.40
N GLU A 277 -2.54 13.96 12.06
CA GLU A 277 -2.65 13.72 13.49
C GLU A 277 -2.23 12.30 13.85
N THR A 278 -2.64 11.32 13.03
CA THR A 278 -2.23 9.96 13.32
C THR A 278 -0.74 9.73 13.04
N THR A 279 -0.16 10.48 12.09
CA THR A 279 1.29 10.43 11.91
C THR A 279 1.99 10.92 13.20
N TYR A 280 1.54 12.07 13.68
CA TYR A 280 2.02 12.57 14.95
C TYR A 280 1.83 11.57 16.12
N ASN A 281 0.65 10.97 16.25
CA ASN A 281 0.37 10.06 17.36
C ASN A 281 1.25 8.83 17.28
N SER A 282 1.40 8.31 16.07
CA SER A 282 2.25 7.16 15.85
C SER A 282 3.67 7.49 16.32
N ILE A 283 4.20 8.61 15.86
CA ILE A 283 5.53 9.01 16.27
C ILE A 283 5.65 9.12 17.80
N MET A 284 4.62 9.70 18.43
CA MET A 284 4.64 9.89 19.87
C MET A 284 4.53 8.57 20.63
N LYS A 285 4.07 7.52 19.97
CA LYS A 285 4.10 6.23 20.64
C LYS A 285 5.47 5.57 20.56
N CYS A 286 6.39 6.16 19.81
CA CYS A 286 7.71 5.55 19.66
C CYS A 286 8.73 6.06 20.67
N ASP A 287 9.77 5.25 20.87
CA ASP A 287 10.92 5.59 21.70
C ASP A 287 11.39 7.03 21.45
N ILE A 288 11.56 7.80 22.52
CA ILE A 288 11.92 9.22 22.41
C ILE A 288 13.09 9.50 21.46
N ASP A 289 14.12 8.66 21.52
CA ASP A 289 15.33 8.88 20.74
C ASP A 289 15.23 8.47 19.27
N ILE A 290 14.13 7.84 18.84
CA ILE A 290 13.96 7.60 17.40
C ILE A 290 13.03 8.61 16.71
N ARG A 291 12.36 9.43 17.52
CA ARG A 291 11.34 10.33 16.99
C ARG A 291 11.89 11.28 15.92
N LYS A 292 13.05 11.87 16.21
CA LYS A 292 13.71 12.80 15.30
C LYS A 292 13.90 12.17 13.94
N ASP A 293 14.34 10.91 13.94
CA ASP A 293 14.55 10.13 12.73
C ASP A 293 13.25 9.79 12.00
N LEU A 294 12.16 9.63 12.75
CA LEU A 294 10.87 9.42 12.08
C LEU A 294 10.38 10.71 11.39
N TYR A 295 10.44 11.83 12.11
CA TYR A 295 10.05 13.13 11.54
C TYR A 295 10.83 13.48 10.26
N ALA A 296 12.11 13.15 10.23
CA ALA A 296 12.95 13.47 9.08
C ALA A 296 12.81 12.51 7.90
N ASN A 297 12.08 11.41 8.10
CA ASN A 297 11.97 10.37 7.09
C ASN A 297 10.53 9.88 6.95
N ASN A 298 9.63 10.78 6.59
CA ASN A 298 8.22 10.45 6.40
C ASN A 298 7.93 10.11 4.94
N VAL A 299 7.74 8.83 4.65
CA VAL A 299 7.53 8.36 3.28
C VAL A 299 6.04 8.22 3.00
N MET A 300 5.62 8.68 1.84
CA MET A 300 4.26 8.39 1.36
C MET A 300 4.24 7.36 0.20
N SER A 301 3.27 6.45 0.26
CA SER A 301 3.12 5.46 -0.80
C SER A 301 1.68 5.06 -1.01
N GLY A 302 1.38 4.56 -2.21
CA GLY A 302 0.03 4.10 -2.48
C GLY A 302 -0.78 5.05 -3.34
N GLY A 303 -1.79 4.49 -4.04
CA GLY A 303 -2.58 5.28 -4.97
C GLY A 303 -3.27 6.51 -4.38
N THR A 304 -3.68 6.42 -3.13
CA THR A 304 -4.42 7.50 -2.51
C THR A 304 -3.48 8.63 -2.02
N THR A 305 -2.17 8.41 -2.09
CA THR A 305 -1.25 9.50 -1.82
C THR A 305 -0.87 10.24 -3.11
N MET A 306 -1.55 9.94 -4.21
CA MET A 306 -1.20 10.58 -5.49
C MET A 306 -1.78 11.98 -5.71
N TYR A 307 -2.72 12.40 -4.89
CA TYR A 307 -3.27 13.77 -5.00
C TYR A 307 -2.21 14.87 -5.05
N PRO A 308 -2.30 15.76 -6.06
CA PRO A 308 -1.49 16.97 -6.04
C PRO A 308 -1.71 17.79 -4.75
N GLY A 309 -0.63 18.31 -4.18
CA GLY A 309 -0.71 19.08 -2.95
C GLY A 309 -0.68 18.28 -1.65
N ILE A 310 -0.75 16.96 -1.74
CA ILE A 310 -0.82 16.19 -0.49
C ILE A 310 0.50 16.22 0.31
N ALA A 311 1.63 16.17 -0.39
CA ALA A 311 2.94 16.19 0.29
C ALA A 311 3.17 17.52 1.01
N ASP A 312 2.85 18.62 0.33
CA ASP A 312 2.98 19.96 0.93
C ASP A 312 2.01 20.19 2.09
N ARG A 313 0.80 19.65 1.96
CA ARG A 313 -0.18 19.74 3.03
C ARG A 313 0.27 18.94 4.25
N MET A 314 0.72 17.71 4.05
CA MET A 314 1.25 16.95 5.19
C MET A 314 2.47 17.65 5.81
N GLN A 315 3.36 18.19 4.99
CA GLN A 315 4.52 18.95 5.49
C GLN A 315 4.05 20.04 6.43
N LYS A 316 3.08 20.81 5.95
CA LYS A 316 2.50 21.87 6.75
C LYS A 316 1.88 21.38 8.05
N GLU A 317 1.05 20.34 7.97
CA GLU A 317 0.32 19.88 9.17
C GLU A 317 1.25 19.27 10.23
N ILE A 318 2.23 18.50 9.76
CA ILE A 318 3.18 17.87 10.67
C ILE A 318 4.01 18.98 11.32
N THR A 319 4.43 19.97 10.53
CA THR A 319 5.14 21.11 11.10
C THR A 319 4.33 21.81 12.18
N ALA A 320 3.04 22.00 11.94
CA ALA A 320 2.20 22.59 12.98
C ALA A 320 2.07 21.71 14.23
N LEU A 321 2.10 20.39 14.05
CA LEU A 321 1.99 19.48 15.20
C LEU A 321 3.30 19.25 15.96
N ALA A 322 4.42 19.33 15.26
CA ALA A 322 5.72 18.97 15.82
C ALA A 322 6.35 20.15 16.58
N PRO A 323 7.38 19.87 17.40
CA PRO A 323 8.19 20.94 17.98
C PRO A 323 8.99 21.63 16.89
N SER A 324 9.30 22.91 17.08
CA SER A 324 10.05 23.68 16.08
C SER A 324 11.49 23.16 15.98
N THR A 325 11.92 22.42 17.00
CA THR A 325 13.25 21.81 17.04
C THR A 325 13.35 20.58 16.13
N MET A 326 12.45 20.48 15.16
CA MET A 326 12.38 19.28 14.34
C MET A 326 12.43 19.52 12.84
N LYS A 327 13.32 18.82 12.16
CA LYS A 327 13.34 18.83 10.71
C LYS A 327 12.32 17.82 10.23
N ILE A 328 11.32 18.30 9.51
CA ILE A 328 10.34 17.42 8.90
C ILE A 328 10.64 17.29 7.41
N LYS A 329 10.66 16.06 6.92
CA LYS A 329 10.80 15.82 5.49
C LYS A 329 9.82 14.76 5.02
N ILE A 330 9.15 15.05 3.91
CA ILE A 330 8.23 14.10 3.33
C ILE A 330 8.78 13.59 2.01
N ILE A 331 9.00 12.30 1.96
CA ILE A 331 9.49 11.64 0.77
C ILE A 331 8.30 11.11 -0.01
N ALA A 332 8.00 11.75 -1.13
CA ALA A 332 6.88 11.33 -1.96
C ALA A 332 7.28 11.40 -3.43
N PRO A 333 8.00 10.38 -3.91
CA PRO A 333 8.50 10.38 -5.29
C PRO A 333 7.36 10.24 -6.30
N PRO A 334 7.62 10.58 -7.58
CA PRO A 334 6.57 10.53 -8.60
C PRO A 334 6.01 9.12 -8.79
N GLU A 335 6.83 8.09 -8.56
CA GLU A 335 6.42 6.70 -8.80
C GLU A 335 5.79 6.03 -7.56
N ARG A 336 5.42 6.82 -6.57
CA ARG A 336 5.03 6.30 -5.27
C ARG A 336 3.81 5.39 -5.24
N LYS A 337 2.91 5.54 -6.22
CA LYS A 337 1.80 4.60 -6.37
CA LYS A 337 1.79 4.60 -6.32
C LYS A 337 2.32 3.16 -6.32
N TYR A 338 3.54 2.97 -6.78
CA TYR A 338 4.10 1.63 -6.94
C TYR A 338 5.31 1.37 -6.07
N SER A 339 5.55 2.26 -5.09
CA SER A 339 6.73 2.12 -4.23
CA SER A 339 6.76 2.11 -4.29
C SER A 339 6.82 0.79 -3.50
N VAL A 340 5.68 0.29 -3.02
CA VAL A 340 5.68 -1.01 -2.35
C VAL A 340 6.25 -2.06 -3.32
N TRP A 341 5.70 -2.11 -4.53
CA TRP A 341 6.16 -3.14 -5.47
C TRP A 341 7.65 -2.90 -5.73
N ILE A 342 8.01 -1.61 -5.84
CA ILE A 342 9.37 -1.29 -6.26
C ILE A 342 10.31 -1.71 -5.14
N GLY A 343 9.88 -1.50 -3.90
CA GLY A 343 10.66 -1.92 -2.74
C GLY A 343 10.93 -3.40 -2.81
N GLY A 344 9.87 -4.16 -3.11
CA GLY A 344 10.00 -5.62 -3.16
C GLY A 344 11.04 -5.99 -4.19
N SER A 345 10.95 -5.29 -5.32
CA SER A 345 11.81 -5.58 -6.46
C SER A 345 13.26 -5.31 -6.07
N ILE A 346 13.48 -4.21 -5.35
CA ILE A 346 14.85 -3.92 -4.97
C ILE A 346 15.32 -4.99 -3.98
N LEU A 347 14.44 -5.33 -3.03
CA LEU A 347 14.87 -6.15 -1.91
C LEU A 347 15.23 -7.52 -2.44
N ALA A 348 14.41 -8.02 -3.33
CA ALA A 348 14.58 -9.38 -3.81
C ALA A 348 15.92 -9.54 -4.54
N SER A 349 16.53 -8.43 -4.99
CA SER A 349 17.75 -8.52 -5.78
CA SER A 349 17.75 -8.53 -5.78
C SER A 349 19.03 -8.33 -4.96
N LEU A 350 18.88 -7.98 -3.69
CA LEU A 350 20.04 -7.77 -2.83
C LEU A 350 20.70 -9.07 -2.39
N SER A 351 22.03 -9.04 -2.28
CA SER A 351 22.77 -10.21 -1.80
C SER A 351 22.44 -10.55 -0.34
N THR A 352 22.31 -9.52 0.50
CA THR A 352 21.98 -9.74 1.92
C THR A 352 20.62 -10.43 2.10
N PHE A 353 19.76 -10.37 1.08
CA PHE A 353 18.40 -10.92 1.19
C PHE A 353 18.33 -12.41 0.84
N GLN A 354 19.30 -12.89 0.07
CA GLN A 354 19.23 -14.25 -0.45
C GLN A 354 19.17 -15.36 0.62
N GLN A 355 19.80 -15.12 1.76
CA GLN A 355 19.69 -16.06 2.88
C GLN A 355 18.34 -15.93 3.59
N MET A 356 17.55 -14.92 3.21
CA MET A 356 16.27 -14.69 3.87
C MET A 356 15.09 -15.43 3.23
N TRP A 357 15.22 -15.82 1.95
CA TRP A 357 14.18 -16.62 1.29
C TRP A 357 13.82 -17.86 2.12
N ILE A 358 12.54 -18.19 2.18
CA ILE A 358 12.12 -19.49 2.68
C ILE A 358 12.23 -20.46 1.52
N THR A 359 13.07 -21.48 1.66
CA THR A 359 13.24 -22.48 0.61
C THR A 359 12.21 -23.59 0.76
N LYS A 360 12.03 -24.40 -0.28
CA LYS A 360 11.11 -25.53 -0.23
C LYS A 360 11.57 -26.53 0.84
N GLN A 361 12.88 -26.62 1.05
CA GLN A 361 13.44 -27.51 2.07
C GLN A 361 13.01 -27.12 3.48
N GLU A 362 13.21 -25.85 3.82
CA GLU A 362 12.89 -25.34 5.15
C GLU A 362 11.40 -25.49 5.45
N TYR A 363 10.58 -25.29 4.42
CA TYR A 363 9.14 -25.47 4.58
C TYR A 363 8.80 -26.95 4.73
N ASP A 364 9.55 -27.81 4.05
CA ASP A 364 9.34 -29.24 4.22
C ASP A 364 9.71 -29.68 5.63
N GLU A 365 10.62 -28.94 6.25
CA GLU A 365 11.08 -29.27 7.60
C GLU A 365 10.30 -28.60 8.73
N ALA A 366 9.55 -27.54 8.44
CA ALA A 366 8.87 -26.80 9.52
C ALA A 366 7.39 -26.49 9.30
N GLY A 367 6.91 -26.69 8.08
CA GLY A 367 5.53 -26.35 7.74
C GLY A 367 5.36 -24.85 7.69
N PRO A 368 4.10 -24.38 7.55
CA PRO A 368 3.71 -22.96 7.39
C PRO A 368 4.26 -21.99 8.45
N SER A 369 4.50 -22.47 9.67
CA SER A 369 4.93 -21.61 10.77
C SER A 369 6.34 -21.08 10.64
N ILE A 370 7.10 -21.63 9.67
CA ILE A 370 8.43 -21.10 9.36
C ILE A 370 8.36 -19.61 8.96
N VAL A 371 7.19 -19.17 8.52
CA VAL A 371 7.02 -17.78 8.05
C VAL A 371 7.30 -16.75 9.15
N HIS A 372 6.93 -17.08 10.39
CA HIS A 372 7.12 -16.15 11.49
C HIS A 372 8.59 -16.05 11.87
N ARG A 373 9.31 -17.17 11.70
CA ARG A 373 10.74 -17.18 11.98
C ARG A 373 11.54 -16.49 10.88
N LYS A 374 11.18 -16.74 9.63
CA LYS A 374 11.97 -16.24 8.49
C LYS A 374 11.61 -14.84 8.02
N CYS A 375 10.33 -14.46 8.10
CA CYS A 375 9.89 -13.17 7.55
C CYS A 375 9.55 -12.17 8.65
N PHE A 376 10.48 -11.25 8.88
CA PHE A 376 10.38 -10.28 9.96
C PHE A 376 11.06 -8.98 9.52
N PHE B 1 14.09 2.39 -8.32
CA PHE B 1 14.04 0.96 -8.65
C PHE B 1 15.40 0.24 -8.68
N LYS B 2 16.49 0.98 -8.49
CA LYS B 2 17.84 0.44 -8.46
C LYS B 2 18.84 1.50 -7.99
N HIS B 3 18.37 2.76 -8.03
N HIS B 3 18.44 2.77 -8.06
CA HIS B 3 19.11 3.97 -7.66
CA HIS B 3 19.31 3.87 -7.65
C HIS B 3 19.23 4.14 -6.15
C HIS B 3 19.52 3.88 -6.13
N THR B 4 18.64 3.22 -5.40
CA THR B 4 18.72 3.22 -3.94
C THR B 4 19.20 1.87 -3.39
N SER B 5 19.43 0.92 -4.28
CA SER B 5 19.75 -0.44 -3.86
C SER B 5 21.11 -0.57 -3.17
N ALA B 6 22.09 0.21 -3.60
CA ALA B 6 23.39 0.21 -2.90
C ALA B 6 23.26 0.66 -1.44
N ALA B 7 22.69 1.83 -1.25
CA ALA B 7 22.46 2.38 0.08
C ALA B 7 21.70 1.37 0.94
N LEU B 8 20.61 0.84 0.39
CA LEU B 8 19.75 -0.08 1.12
C LEU B 8 20.51 -1.34 1.51
N GLU B 9 21.27 -1.89 0.58
CA GLU B 9 22.10 -3.06 0.81
C GLU B 9 23.00 -2.82 2.01
N ARG B 10 23.64 -1.66 2.00
CA ARG B 10 24.52 -1.28 3.11
C ARG B 10 23.76 -1.24 4.44
N LYS B 11 22.58 -0.62 4.44
CA LYS B 11 21.79 -0.50 5.68
C LYS B 11 21.30 -1.86 6.21
N ILE B 12 20.84 -2.72 5.32
CA ILE B 12 20.32 -4.03 5.70
C ILE B 12 21.46 -4.92 6.20
N SER B 13 22.64 -4.73 5.62
CA SER B 13 23.85 -5.44 6.05
C SER B 13 24.05 -5.42 7.56
N MET B 14 23.96 -4.24 8.16
CA MET B 14 24.18 -4.10 9.61
C MET B 14 22.87 -4.00 10.39
N ARG B 15 21.84 -4.71 9.93
CA ARG B 15 20.55 -4.72 10.59
C ARG B 15 20.63 -5.42 11.94
N GLN B 16 20.05 -4.80 12.97
CA GLN B 16 20.11 -5.35 14.32
C GLN B 16 19.06 -6.43 14.54
N SER B 17 19.35 -7.34 15.49
CA SER B 17 18.44 -8.43 15.81
C SER B 17 17.15 -7.89 16.40
N ARG B 18 16.05 -8.60 16.14
CA ARG B 18 14.77 -8.26 16.75
C ARG B 18 14.97 -8.24 18.25
N GLU B 19 15.54 -9.33 18.77
CA GLU B 19 15.82 -9.48 20.19
C GLU B 19 16.56 -8.27 20.81
N GLU B 20 17.58 -7.76 20.10
CA GLU B 20 18.34 -6.60 20.57
C GLU B 20 17.43 -5.38 20.67
N LEU B 21 16.60 -5.17 19.66
CA LEU B 21 15.68 -4.05 19.66
C LEU B 21 14.63 -4.19 20.75
N ILE B 22 14.28 -5.42 21.11
CA ILE B 22 13.31 -5.62 22.18
C ILE B 22 13.99 -5.33 23.53
N LYS B 23 15.26 -5.71 23.63
CA LYS B 23 16.06 -5.42 24.82
C LYS B 23 16.16 -3.93 25.10
N ARG B 24 16.37 -3.14 24.05
CA ARG B 24 16.60 -1.71 24.22
C ARG B 24 15.32 -0.89 24.17
N GLY B 25 14.18 -1.58 24.23
CA GLY B 25 12.89 -0.92 24.38
C GLY B 25 12.23 -0.35 23.13
N VAL B 26 12.90 -0.44 21.99
CA VAL B 26 12.34 0.10 20.75
C VAL B 26 11.20 -0.78 20.21
N LEU B 27 11.41 -2.08 20.23
CA LEU B 27 10.45 -3.04 19.67
C LEU B 27 9.50 -3.55 20.76
N LYS B 28 8.19 -3.41 20.49
CA LYS B 28 7.15 -3.92 21.39
C LYS B 28 5.95 -4.42 20.59
N GLU B 29 5.43 -5.59 20.98
CA GLU B 29 4.19 -6.12 20.41
C GLU B 29 2.99 -5.25 20.82
N ILE B 30 1.91 -5.31 20.03
CA ILE B 30 0.77 -4.42 20.24
C ILE B 30 0.03 -4.69 21.55
O5 LAB C . -12.33 3.97 -6.01
C18 LAB C . -12.76 2.87 -6.28
N1 LAB C . -12.13 1.58 -5.91
C16 LAB C . -12.76 0.46 -6.68
C17 LAB C . -14.16 0.80 -7.00
S1 LAB C . -14.24 2.52 -7.16
C15 LAB C . -11.98 0.04 -7.90
O4 LAB C . -12.24 0.90 -8.93
C14 LAB C . -10.47 0.05 -7.64
C13 LAB C . -9.71 -0.83 -8.63
O2 LAB C . -9.60 -0.17 -9.84
C12 LAB C . -10.38 -2.13 -8.85
C11 LAB C . -11.77 -1.91 -9.31
O3 LAB C . -12.43 -1.22 -8.32
C10 LAB C . -12.46 -3.23 -9.57
C9 LAB C . -13.75 -3.01 -10.34
C8 LAB C . -13.61 -2.30 -11.67
C20 LAB C . -14.87 -2.24 -12.41
C7 LAB C . -12.57 -2.96 -12.57
C6 LAB C . -11.60 -2.22 -13.29
C5 LAB C . -11.12 -0.84 -12.88
C4 LAB C . -9.60 -0.80 -12.81
C3 LAB C . -9.08 0.63 -12.78
C19 LAB C . -8.97 1.36 -14.10
C2 LAB C . -8.53 1.25 -11.64
C1 LAB C . -8.66 0.79 -10.19
O1 LAB C . -8.03 1.33 -9.28
PG ATP D . -4.72 -1.40 -0.44
O1G ATP D . -3.23 -1.17 -0.30
O2G ATP D . -5.57 -0.46 0.31
O3G ATP D . -5.10 -2.86 -0.31
PB ATP D . -4.26 -1.12 -3.31
O1B ATP D . -2.82 -1.48 -3.13
O2B ATP D . -5.00 -2.00 -4.32
O3B ATP D . -5.14 -0.99 -1.97
PA ATP D . -3.38 1.12 -4.85
O1A ATP D . -3.14 0.22 -6.03
O2A ATP D . -2.15 1.63 -4.14
O3A ATP D . -4.40 0.42 -3.80
O5' ATP D . -4.29 2.37 -5.21
C5' ATP D . -5.63 2.22 -5.68
C4' ATP D . -6.47 3.40 -5.19
O4' ATP D . -5.75 4.61 -5.45
C3' ATP D . -7.80 3.53 -5.93
O3' ATP D . -8.78 4.01 -5.00
C2' ATP D . -7.54 4.62 -6.94
O2' ATP D . -8.73 5.31 -7.31
C1' ATP D . -6.59 5.52 -6.14
N9 ATP D . -5.82 6.37 -7.05
C8 ATP D . -5.03 5.95 -8.06
N7 ATP D . -4.48 7.00 -8.69
C5 ATP D . -4.95 8.12 -8.10
C6 ATP D . -4.79 9.57 -8.27
N6 ATP D . -4.00 10.06 -9.26
N1 ATP D . -5.47 10.38 -7.45
C2 ATP D . -6.26 9.91 -6.47
N3 ATP D . -6.44 8.60 -6.24
C4 ATP D . -5.83 7.68 -7.02
MG MG E . -1.52 -1.44 -1.47
C TRS F . -11.47 -4.14 9.20
C1 TRS F . -10.22 -4.52 8.43
C2 TRS F . -12.67 -4.61 8.41
C3 TRS F . -11.54 -2.65 9.48
N TRS F . -11.43 -4.85 10.48
O1 TRS F . -10.52 -5.72 7.70
O2 TRS F . -12.17 -5.00 7.13
O3 TRS F . -12.40 -2.02 8.51
CA CA G . 16.24 2.91 -8.13
#